data_6UBH
#
_entry.id   6UBH
#
_cell.length_a   39.000
_cell.length_b   39.010
_cell.length_c   58.380
_cell.angle_alpha   72.550
_cell.angle_beta   72.610
_cell.angle_gamma   96.060
#
_symmetry.space_group_name_H-M   'P 1'
#
loop_
_entity.id
_entity.type
_entity.pdbx_description
1 polymer Erbin
2 polymer peptide
3 non-polymer 'SODIUM ION'
4 water water
#
loop_
_entity_poly.entity_id
_entity_poly.type
_entity_poly.pdbx_seq_one_letter_code
_entity_poly.pdbx_strand_id
1 'polypeptide(L)'
;SSMEIRVRVEKDPELGFSISGGVGGRGNPFRPDDDGIFVTRVQPEGPASKLLQPGDKIIQANGYSFINIEMGQAVSLLKT
FQNTVELIIVREVSS
;
A,B,C,D
2 'polypeptide(L)' KNFDFWV E,F,G,H
#
loop_
_chem_comp.id
_chem_comp.type
_chem_comp.name
_chem_comp.formula
NA non-polymer 'SODIUM ION' 'Na 1'
#
# COMPACT_ATOMS: atom_id res chain seq x y z
N SER A 2 7.30 -5.74 -8.05
CA SER A 2 8.08 -6.54 -7.11
C SER A 2 8.84 -7.65 -7.85
N MET A 3 9.80 -8.26 -7.16
CA MET A 3 10.68 -9.24 -7.78
C MET A 3 11.02 -10.33 -6.78
N GLU A 4 11.34 -11.52 -7.29
CA GLU A 4 11.71 -12.65 -6.46
C GLU A 4 13.24 -12.78 -6.49
N ILE A 5 13.86 -12.55 -5.34
CA ILE A 5 15.31 -12.60 -5.20
C ILE A 5 15.69 -13.79 -4.33
N ARG A 6 16.72 -14.51 -4.73
CA ARG A 6 17.26 -15.61 -3.94
C ARG A 6 18.52 -15.11 -3.22
N VAL A 7 18.52 -15.24 -1.90
CA VAL A 7 19.68 -14.87 -1.09
C VAL A 7 19.98 -16.03 -0.16
N ARG A 8 21.27 -16.16 0.19
CA ARG A 8 21.72 -17.19 1.11
C ARG A 8 22.35 -16.51 2.33
N VAL A 9 21.69 -16.64 3.48
CA VAL A 9 22.17 -16.07 4.72
C VAL A 9 22.74 -17.21 5.56
N GLU A 10 24.01 -17.07 5.96
CA GLU A 10 24.72 -18.11 6.70
C GLU A 10 24.77 -17.71 8.16
N LYS A 11 24.24 -18.58 9.02
CA LYS A 11 24.23 -18.28 10.45
C LYS A 11 25.66 -18.14 10.97
N ASP A 12 25.92 -17.04 11.68
CA ASP A 12 27.24 -16.77 12.24
C ASP A 12 27.09 -15.87 13.47
N PRO A 13 26.51 -16.41 14.56
CA PRO A 13 25.88 -17.73 14.67
C PRO A 13 24.38 -17.68 14.38
N GLU A 14 23.88 -16.48 14.08
CA GLU A 14 22.50 -16.24 13.71
C GLU A 14 22.44 -15.69 12.29
N LEU A 15 21.22 -15.57 11.76
CA LEU A 15 21.07 -15.02 10.42
C LEU A 15 21.29 -13.52 10.40
N GLY A 16 21.01 -12.84 11.51
CA GLY A 16 21.30 -11.42 11.61
C GLY A 16 20.22 -10.48 11.12
N PHE A 17 18.94 -10.87 11.20
CA PHE A 17 17.86 -9.97 10.83
C PHE A 17 16.63 -10.33 11.66
N SER A 18 15.64 -9.44 11.62
CA SER A 18 14.39 -9.62 12.36
C SER A 18 13.22 -9.59 11.39
N ILE A 19 12.13 -10.25 11.78
CA ILE A 19 10.97 -10.41 10.92
C ILE A 19 9.72 -10.00 11.66
N SER A 20 8.71 -9.56 10.91
CA SER A 20 7.42 -9.18 11.45
C SER A 20 6.32 -9.69 10.53
N GLY A 21 5.13 -9.83 11.09
CA GLY A 21 3.99 -10.28 10.31
C GLY A 21 3.44 -11.63 10.75
N GLY A 22 3.08 -12.46 9.80
CA GLY A 22 2.53 -13.76 10.09
C GLY A 22 1.01 -13.78 10.05
N VAL A 23 0.46 -14.94 9.72
CA VAL A 23 -0.99 -15.11 9.68
C VAL A 23 -1.53 -15.08 11.10
N GLY A 24 -2.54 -14.23 11.34
CA GLY A 24 -3.02 -14.01 12.68
C GLY A 24 -2.05 -13.26 13.57
N GLY A 25 -0.95 -12.75 13.03
CA GLY A 25 0.06 -12.07 13.81
C GLY A 25 -0.32 -10.64 14.10
N ARG A 26 0.71 -9.85 14.42
CA ARG A 26 0.54 -8.45 14.82
C ARG A 26 0.85 -7.46 13.71
N GLY A 27 1.12 -7.92 12.50
CA GLY A 27 1.30 -7.03 11.36
C GLY A 27 2.75 -6.67 11.12
N ASN A 28 2.95 -5.81 10.13
CA ASN A 28 4.26 -5.40 9.66
C ASN A 28 4.23 -3.90 9.36
N PRO A 29 5.39 -3.22 9.45
CA PRO A 29 5.40 -1.77 9.26
C PRO A 29 5.36 -1.31 7.81
N PHE A 30 5.25 -2.23 6.85
CA PHE A 30 5.31 -1.89 5.44
C PHE A 30 3.94 -1.99 4.77
N ARG A 31 3.33 -3.16 4.77
CA ARG A 31 2.00 -3.35 4.21
C ARG A 31 1.13 -4.04 5.25
N PRO A 32 0.20 -3.31 5.89
CA PRO A 32 -0.61 -3.92 6.96
C PRO A 32 -1.61 -4.95 6.45
N ASP A 33 -2.03 -4.86 5.19
CA ASP A 33 -2.99 -5.79 4.62
C ASP A 33 -2.35 -7.09 4.16
N ASP A 34 -1.10 -7.32 4.54
CA ASP A 34 -0.32 -8.48 4.10
C ASP A 34 0.11 -9.25 5.34
N ASP A 35 -0.36 -10.50 5.46
CA ASP A 35 0.00 -11.36 6.57
C ASP A 35 1.29 -12.14 6.32
N GLY A 36 2.07 -11.73 5.33
CA GLY A 36 3.34 -12.38 5.08
C GLY A 36 4.38 -12.05 6.13
N ILE A 37 5.56 -12.61 5.94
CA ILE A 37 6.70 -12.39 6.82
C ILE A 37 7.60 -11.34 6.18
N PHE A 38 7.89 -10.28 6.94
CA PHE A 38 8.63 -9.13 6.41
C PHE A 38 9.89 -8.90 7.24
N VAL A 39 11.03 -8.76 6.55
CA VAL A 39 12.25 -8.35 7.23
C VAL A 39 12.08 -6.93 7.75
N THR A 40 12.30 -6.75 9.05
CA THR A 40 12.05 -5.49 9.72
C THR A 40 13.30 -4.75 10.14
N ARG A 41 14.30 -5.45 10.66
CA ARG A 41 15.57 -4.84 11.02
C ARG A 41 16.70 -5.80 10.63
N VAL A 42 17.80 -5.23 10.15
CA VAL A 42 18.97 -5.99 9.74
C VAL A 42 20.18 -5.48 10.51
N GLN A 43 20.95 -6.39 11.08
CA GLN A 43 22.14 -5.99 11.82
C GLN A 43 23.15 -5.37 10.85
N PRO A 44 23.76 -4.24 11.21
CA PRO A 44 24.57 -3.50 10.22
C PRO A 44 25.65 -4.33 9.55
N GLU A 45 26.39 -5.15 10.29
CA GLU A 45 27.42 -6.01 9.71
C GLU A 45 27.20 -7.47 10.05
N GLY A 46 25.94 -7.91 10.09
CA GLY A 46 25.63 -9.29 10.34
C GLY A 46 25.61 -10.11 9.07
N PRO A 47 25.20 -11.38 9.18
CA PRO A 47 25.18 -12.25 7.98
C PRO A 47 24.18 -11.81 6.92
N ALA A 48 23.17 -11.02 7.27
CA ALA A 48 22.17 -10.58 6.32
C ALA A 48 22.45 -9.17 5.81
N SER A 49 23.49 -8.52 6.33
CA SER A 49 23.82 -7.17 5.91
C SER A 49 24.16 -7.13 4.42
N LYS A 50 23.72 -6.06 3.76
CA LYS A 50 23.90 -5.84 2.33
C LYS A 50 23.19 -6.91 1.51
N LEU A 51 22.55 -7.87 2.17
CA LEU A 51 21.81 -8.92 1.48
C LEU A 51 20.30 -8.74 1.63
N LEU A 52 19.84 -8.49 2.85
CA LEU A 52 18.44 -8.24 3.12
C LEU A 52 18.26 -6.79 3.56
N GLN A 53 17.09 -6.23 3.24
CA GLN A 53 16.74 -4.88 3.62
C GLN A 53 15.32 -4.87 4.18
N PRO A 54 15.01 -3.89 5.04
CA PRO A 54 13.64 -3.78 5.54
C PRO A 54 12.64 -3.67 4.39
N GLY A 55 11.53 -4.37 4.54
CA GLY A 55 10.52 -4.47 3.51
C GLY A 55 10.53 -5.78 2.73
N ASP A 56 11.62 -6.54 2.82
CA ASP A 56 11.69 -7.83 2.14
C ASP A 56 10.60 -8.76 2.64
N LYS A 57 9.88 -9.38 1.71
CA LYS A 57 8.84 -10.35 2.02
C LYS A 57 9.40 -11.74 1.76
N ILE A 58 9.56 -12.53 2.82
CA ILE A 58 10.05 -13.89 2.70
C ILE A 58 8.90 -14.79 2.28
N ILE A 59 9.06 -15.49 1.16
CA ILE A 59 8.06 -16.43 0.67
C ILE A 59 8.59 -17.85 0.57
N GLN A 60 9.88 -18.06 0.85
CA GLN A 60 10.45 -19.40 0.83
C GLN A 60 11.78 -19.39 1.58
N ALA A 61 11.99 -20.39 2.43
CA ALA A 61 13.23 -20.56 3.18
C ALA A 61 13.66 -22.01 3.09
N ASN A 62 14.76 -22.25 2.39
CA ASN A 62 15.29 -23.60 2.18
C ASN A 62 14.21 -24.52 1.60
N GLY A 63 13.56 -24.04 0.55
CA GLY A 63 12.52 -24.80 -0.12
C GLY A 63 11.20 -24.86 0.60
N TYR A 64 11.07 -24.24 1.76
CA TYR A 64 9.84 -24.25 2.53
C TYR A 64 9.09 -22.94 2.30
N SER A 65 7.86 -23.05 1.80
CA SER A 65 7.08 -21.86 1.49
C SER A 65 6.67 -21.14 2.76
N PHE A 66 6.77 -19.82 2.75
CA PHE A 66 6.35 -18.97 3.86
C PHE A 66 5.04 -18.26 3.58
N ILE A 67 4.31 -18.66 2.56
CA ILE A 67 2.99 -18.11 2.28
C ILE A 67 1.98 -18.77 3.22
N ASN A 68 1.16 -17.96 3.87
CA ASN A 68 0.18 -18.43 4.86
C ASN A 68 0.86 -19.12 6.05
N ILE A 69 2.04 -18.65 6.44
CA ILE A 69 2.74 -19.19 7.59
C ILE A 69 2.49 -18.29 8.78
N GLU A 70 2.45 -18.91 9.96
CA GLU A 70 2.33 -18.17 11.21
C GLU A 70 3.71 -17.72 11.67
N MET A 71 3.73 -16.65 12.48
CA MET A 71 5.00 -16.11 12.94
C MET A 71 5.76 -17.12 13.79
N GLY A 72 5.07 -17.76 14.75
CA GLY A 72 5.73 -18.74 15.59
C GLY A 72 6.33 -19.88 14.79
N GLN A 73 5.68 -20.26 13.70
CA GLN A 73 6.21 -21.33 12.86
C GLN A 73 7.40 -20.85 12.04
N ALA A 74 7.34 -19.61 11.54
CA ALA A 74 8.45 -19.06 10.76
C ALA A 74 9.70 -18.92 11.62
N VAL A 75 9.55 -18.38 12.83
CA VAL A 75 10.67 -18.26 13.75
C VAL A 75 11.20 -19.64 14.14
N SER A 76 10.29 -20.58 14.39
CA SER A 76 10.69 -21.94 14.73
C SER A 76 11.51 -22.57 13.61
N LEU A 77 11.01 -22.48 12.37
CA LEU A 77 11.71 -23.06 11.24
C LEU A 77 13.10 -22.44 11.06
N LEU A 78 13.18 -21.11 11.13
CA LEU A 78 14.45 -20.44 10.90
C LEU A 78 15.47 -20.75 11.99
N LYS A 79 15.02 -20.95 13.23
CA LYS A 79 15.95 -21.34 14.30
C LYS A 79 16.38 -22.78 14.17
N THR A 80 15.55 -23.62 13.52
CA THR A 80 15.88 -25.03 13.37
C THR A 80 16.98 -25.23 12.33
N PHE A 81 16.93 -24.47 11.23
CA PHE A 81 17.96 -24.55 10.21
C PHE A 81 19.34 -24.29 10.80
N GLN A 82 20.31 -25.08 10.37
CA GLN A 82 21.71 -24.85 10.69
C GLN A 82 22.43 -24.26 9.49
N ASN A 83 23.60 -23.67 9.76
CA ASN A 83 24.47 -23.15 8.72
C ASN A 83 23.80 -22.07 7.88
N THR A 84 23.50 -22.40 6.62
CA THR A 84 22.97 -21.43 5.66
C THR A 84 21.49 -21.65 5.44
N VAL A 85 20.76 -20.55 5.26
CA VAL A 85 19.34 -20.60 4.96
C VAL A 85 19.13 -19.92 3.61
N GLU A 86 18.66 -20.69 2.63
CA GLU A 86 18.37 -20.15 1.31
C GLU A 86 16.99 -19.51 1.33
N LEU A 87 16.93 -18.20 1.10
CA LEU A 87 15.69 -17.45 1.14
C LEU A 87 15.27 -17.02 -0.26
N ILE A 88 13.97 -17.02 -0.49
CA ILE A 88 13.37 -16.37 -1.65
C ILE A 88 12.56 -15.20 -1.10
N ILE A 89 12.90 -13.99 -1.53
CA ILE A 89 12.29 -12.79 -0.99
C ILE A 89 11.68 -11.99 -2.13
N VAL A 90 10.69 -11.17 -1.76
CA VAL A 90 10.00 -10.30 -2.70
C VAL A 90 10.47 -8.87 -2.43
N ARG A 91 11.19 -8.29 -3.38
CA ARG A 91 11.80 -6.98 -3.22
C ARG A 91 11.34 -6.02 -4.31
N GLU A 92 11.08 -4.79 -3.90
CA GLU A 92 10.56 -3.73 -4.77
C GLU A 92 11.56 -3.38 -5.86
N SER B 1 21.04 27.38 12.09
CA SER B 1 20.65 26.58 10.94
C SER B 1 19.37 25.87 11.35
N SER B 2 19.23 24.59 11.01
CA SER B 2 17.87 24.09 10.89
C SER B 2 17.60 22.83 11.70
N MET B 3 16.30 22.54 11.76
CA MET B 3 15.65 21.72 12.76
C MET B 3 15.05 20.48 12.12
N GLU B 4 14.64 19.55 12.97
CA GLU B 4 14.01 18.31 12.56
C GLU B 4 12.50 18.51 12.61
N ILE B 5 11.87 18.45 11.44
CA ILE B 5 10.43 18.64 11.30
C ILE B 5 9.79 17.30 10.98
N ARG B 6 8.66 17.02 11.60
CA ARG B 6 7.89 15.82 11.35
C ARG B 6 6.74 16.14 10.40
N VAL B 7 6.66 15.43 9.29
CA VAL B 7 5.57 15.55 8.34
C VAL B 7 5.05 14.15 8.02
N ARG B 8 3.75 14.08 7.71
CA ARG B 8 3.10 12.82 7.34
C ARG B 8 2.54 12.97 5.93
N VAL B 9 3.10 12.23 4.99
CA VAL B 9 2.67 12.26 3.60
C VAL B 9 1.85 11.00 3.33
N GLU B 10 0.63 11.18 2.86
CA GLU B 10 -0.30 10.08 2.62
C GLU B 10 -0.35 9.79 1.13
N LYS B 11 0.00 8.56 0.75
CA LYS B 11 0.00 8.18 -0.66
C LYS B 11 -1.40 8.29 -1.25
N ASP B 12 -1.50 8.96 -2.40
CA ASP B 12 -2.78 9.15 -3.09
C ASP B 12 -2.53 9.34 -4.58
N PRO B 13 -2.09 8.29 -5.29
CA PRO B 13 -1.68 6.97 -4.77
C PRO B 13 -0.18 6.90 -4.48
N GLU B 14 0.52 8.00 -4.76
CA GLU B 14 1.95 8.13 -4.52
C GLU B 14 2.19 9.25 -3.52
N LEU B 15 3.45 9.37 -3.09
CA LEU B 15 3.80 10.43 -2.14
C LEU B 15 3.83 11.81 -2.80
N GLY B 16 4.16 11.88 -4.09
CA GLY B 16 4.09 13.13 -4.80
C GLY B 16 5.31 14.02 -4.69
N PHE B 17 6.50 13.46 -4.51
CA PHE B 17 7.72 14.24 -4.49
C PHE B 17 8.87 13.40 -5.01
N SER B 18 9.99 14.06 -5.27
CA SER B 18 11.18 13.42 -5.81
C SER B 18 12.35 13.62 -4.86
N ILE B 19 13.30 12.67 -4.89
CA ILE B 19 14.42 12.66 -3.98
C ILE B 19 15.73 12.50 -4.75
N SER B 20 16.81 12.98 -4.15
CA SER B 20 18.15 12.87 -4.72
C SER B 20 19.14 12.57 -3.60
N GLY B 21 20.30 12.02 -4.00
CA GLY B 21 21.39 11.76 -3.08
C GLY B 21 21.68 10.27 -2.94
N GLY B 22 21.99 9.86 -1.72
CA GLY B 22 22.36 8.49 -1.42
C GLY B 22 23.86 8.30 -1.38
N VAL B 23 24.31 7.34 -0.58
CA VAL B 23 25.73 7.03 -0.49
C VAL B 23 26.18 6.36 -1.78
N GLY B 24 27.26 6.88 -2.37
CA GLY B 24 27.67 6.42 -3.68
C GLY B 24 26.77 6.85 -4.81
N GLY B 25 25.78 7.70 -4.54
CA GLY B 25 24.83 8.11 -5.55
C GLY B 25 25.39 9.19 -6.46
N ARG B 26 24.48 9.91 -7.11
CA ARG B 26 24.86 10.93 -8.08
C ARG B 26 24.78 12.35 -7.55
N GLY B 27 24.48 12.53 -6.26
CA GLY B 27 24.53 13.84 -5.64
C GLY B 27 23.17 14.53 -5.65
N ASN B 28 23.18 15.76 -5.13
CA ASN B 28 21.99 16.58 -4.95
C ASN B 28 22.33 18.02 -5.29
N PRO B 29 21.34 18.81 -5.72
CA PRO B 29 21.63 20.19 -6.15
C PRO B 29 21.76 21.19 -5.02
N PHE B 30 21.72 20.76 -3.76
CA PHE B 30 21.72 21.68 -2.62
C PHE B 30 23.06 21.66 -1.89
N ARG B 31 23.47 20.52 -1.36
CA ARG B 31 24.76 20.39 -0.67
C ARG B 31 25.52 19.23 -1.27
N PRO B 32 26.56 19.51 -2.07
CA PRO B 32 27.27 18.40 -2.74
C PRO B 32 28.06 17.52 -1.79
N ASP B 33 28.48 18.05 -0.64
CA ASP B 33 29.27 17.30 0.32
C ASP B 33 28.41 16.43 1.24
N ASP B 34 27.13 16.27 0.91
CA ASP B 34 26.18 15.54 1.74
C ASP B 34 25.58 14.42 0.91
N ASP B 35 25.83 13.17 1.31
CA ASP B 35 25.27 12.01 0.63
C ASP B 35 23.90 11.62 1.16
N GLY B 36 23.23 12.51 1.88
CA GLY B 36 21.90 12.24 2.36
C GLY B 36 20.88 12.26 1.24
N ILE B 37 19.63 12.01 1.62
CA ILE B 37 18.50 12.01 0.70
C ILE B 37 17.80 13.37 0.79
N PHE B 38 17.65 14.04 -0.35
CA PHE B 38 17.13 15.40 -0.39
C PHE B 38 15.89 15.46 -1.27
N VAL B 39 14.84 16.09 -0.75
CA VAL B 39 13.67 16.37 -1.56
C VAL B 39 14.05 17.38 -2.64
N THR B 40 13.79 17.01 -3.89
CA THR B 40 14.22 17.81 -5.04
C THR B 40 13.06 18.46 -5.78
N ARG B 41 11.96 17.76 -5.97
CA ARG B 41 10.77 18.32 -6.60
C ARG B 41 9.53 17.81 -5.87
N VAL B 42 8.54 18.68 -5.74
CA VAL B 42 7.28 18.35 -5.08
C VAL B 42 6.15 18.66 -6.06
N GLN B 43 5.23 17.72 -6.21
CA GLN B 43 4.10 17.93 -7.11
C GLN B 43 3.23 19.05 -6.57
N PRO B 44 2.78 20.00 -7.42
CA PRO B 44 2.12 21.21 -6.91
C PRO B 44 0.97 20.98 -5.96
N GLU B 45 0.07 20.04 -6.27
CA GLU B 45 -1.06 19.72 -5.41
C GLU B 45 -1.07 18.25 -5.04
N GLY B 46 0.11 17.69 -4.83
CA GLY B 46 0.24 16.30 -4.42
C GLY B 46 0.17 16.18 -2.91
N PRO B 47 0.39 14.96 -2.41
CA PRO B 47 0.34 14.75 -0.95
C PRO B 47 1.41 15.49 -0.18
N ALA B 48 2.51 15.89 -0.82
CA ALA B 48 3.63 16.53 -0.14
C ALA B 48 3.62 18.05 -0.25
N SER B 49 2.68 18.62 -1.00
CA SER B 49 2.64 20.07 -1.16
C SER B 49 2.41 20.76 0.18
N LYS B 50 3.11 21.88 0.38
CA LYS B 50 3.02 22.69 1.59
C LYS B 50 3.46 21.92 2.83
N LEU B 51 3.94 20.69 2.63
CA LEU B 51 4.52 19.87 3.68
C LEU B 51 6.02 19.69 3.46
N LEU B 52 6.41 19.35 2.24
CA LEU B 52 7.81 19.22 1.86
C LEU B 52 8.17 20.30 0.84
N GLN B 53 9.42 20.73 0.87
CA GLN B 53 9.97 21.69 -0.07
C GLN B 53 11.29 21.17 -0.61
N PRO B 54 11.68 21.60 -1.81
CA PRO B 54 13.02 21.23 -2.31
C PRO B 54 14.09 21.69 -1.34
N GLY B 55 15.07 20.81 -1.10
CA GLY B 55 16.11 21.04 -0.14
C GLY B 55 15.93 20.28 1.16
N ASP B 56 14.72 19.81 1.45
CA ASP B 56 14.49 19.02 2.65
C ASP B 56 15.33 17.75 2.61
N LYS B 57 16.04 17.46 3.69
CA LYS B 57 16.84 16.25 3.81
C LYS B 57 16.08 15.25 4.67
N ILE B 58 15.69 14.13 4.07
CA ILE B 58 15.00 13.08 4.79
C ILE B 58 16.04 12.26 5.55
N ILE B 59 15.88 12.17 6.87
CA ILE B 59 16.77 11.40 7.72
C ILE B 59 16.04 10.28 8.45
N GLN B 60 14.72 10.18 8.32
CA GLN B 60 13.96 9.09 8.91
C GLN B 60 12.61 9.00 8.23
N ALA B 61 12.19 7.78 7.92
CA ALA B 61 10.89 7.52 7.29
C ALA B 61 10.22 6.36 8.00
N ASN B 62 9.11 6.64 8.67
CA ASN B 62 8.36 5.63 9.43
C ASN B 62 9.26 4.89 10.41
N GLY B 63 10.03 5.65 11.18
CA GLY B 63 10.93 5.09 12.17
C GLY B 63 12.20 4.48 11.63
N TYR B 64 12.40 4.48 10.31
CA TYR B 64 13.59 3.91 9.70
C TYR B 64 14.57 5.03 9.39
N SER B 65 15.77 4.92 9.93
CA SER B 65 16.76 5.98 9.76
C SER B 65 17.25 6.02 8.31
N PHE B 66 17.36 7.23 7.77
CA PHE B 66 17.85 7.48 6.43
C PHE B 66 19.27 8.05 6.44
N ILE B 67 19.96 7.95 7.56
CA ILE B 67 21.34 8.42 7.65
C ILE B 67 22.25 7.38 6.99
N ASN B 68 23.02 7.85 6.01
CA ASN B 68 23.93 7.00 5.21
C ASN B 68 23.18 5.82 4.60
N ILE B 69 22.08 6.14 3.93
CA ILE B 69 21.29 5.17 3.19
C ILE B 69 21.57 5.34 1.71
N GLU B 70 21.47 4.24 0.96
CA GLU B 70 21.66 4.29 -0.48
C GLU B 70 20.38 4.72 -1.19
N MET B 71 20.55 5.28 -2.39
CA MET B 71 19.42 5.80 -3.15
C MET B 71 18.43 4.70 -3.51
N GLY B 72 18.91 3.62 -4.10
CA GLY B 72 18.04 2.49 -4.43
C GLY B 72 17.28 1.96 -3.23
N GLN B 73 17.89 2.03 -2.04
CA GLN B 73 17.26 1.54 -0.83
C GLN B 73 16.17 2.48 -0.34
N ALA B 74 16.41 3.79 -0.44
CA ALA B 74 15.39 4.76 -0.03
C ALA B 74 14.16 4.67 -0.93
N VAL B 75 14.37 4.57 -2.24
CA VAL B 75 13.24 4.42 -3.16
C VAL B 75 12.49 3.13 -2.90
N SER B 76 13.24 2.04 -2.69
CA SER B 76 12.60 0.76 -2.40
C SER B 76 11.78 0.82 -1.12
N LEU B 77 12.37 1.35 -0.05
CA LEU B 77 11.67 1.43 1.23
C LEU B 77 10.42 2.31 1.12
N LEU B 78 10.55 3.47 0.48
CA LEU B 78 9.43 4.40 0.40
C LEU B 78 8.29 3.82 -0.46
N LYS B 79 8.63 3.04 -1.48
CA LYS B 79 7.60 2.38 -2.29
C LYS B 79 6.95 1.22 -1.55
N THR B 80 7.63 0.65 -0.56
CA THR B 80 7.08 -0.49 0.17
C THR B 80 5.97 -0.03 1.11
N PHE B 81 6.17 1.08 1.80
CA PHE B 81 5.15 1.63 2.68
C PHE B 81 3.85 1.86 1.93
N GLN B 82 2.74 1.49 2.55
CA GLN B 82 1.43 1.81 2.05
C GLN B 82 0.85 2.97 2.85
N ASN B 83 -0.16 3.63 2.28
CA ASN B 83 -0.88 4.69 2.98
C ASN B 83 0.05 5.84 3.36
N THR B 84 0.33 5.99 4.65
CA THR B 84 1.06 7.14 5.16
C THR B 84 2.51 6.77 5.49
N VAL B 85 3.41 7.72 5.23
CA VAL B 85 4.82 7.61 5.57
C VAL B 85 5.17 8.78 6.49
N GLU B 86 5.55 8.47 7.72
CA GLU B 86 5.96 9.51 8.66
C GLU B 86 7.44 9.87 8.42
N LEU B 87 7.68 11.11 8.02
CA LEU B 87 9.02 11.58 7.70
C LEU B 87 9.52 12.55 8.76
N ILE B 88 10.81 12.48 9.07
CA ILE B 88 11.52 13.51 9.82
C ILE B 88 12.54 14.13 8.86
N ILE B 89 12.41 15.43 8.63
CA ILE B 89 13.26 16.10 7.65
C ILE B 89 13.98 17.28 8.30
N VAL B 90 15.12 17.64 7.72
CA VAL B 90 15.89 18.81 8.15
C VAL B 90 15.74 19.85 7.04
N ARG B 91 15.05 20.95 7.35
CA ARG B 91 14.75 21.99 6.37
C ARG B 91 15.21 23.35 6.86
N GLU B 92 15.85 24.11 5.97
CA GLU B 92 16.41 25.41 6.34
C GLU B 92 15.45 26.57 6.13
N SER C 1 -5.00 -11.99 5.62
CA SER C 1 -4.91 -10.88 4.66
C SER C 1 -6.23 -10.10 4.62
N SER C 2 -6.15 -8.83 4.27
CA SER C 2 -7.32 -7.98 4.12
C SER C 2 -7.30 -7.31 2.76
N MET C 3 -8.42 -6.69 2.41
N MET C 3 -8.44 -6.73 2.39
CA MET C 3 -8.61 -6.15 1.08
CA MET C 3 -8.61 -6.16 1.05
C MET C 3 -9.39 -4.86 1.16
C MET C 3 -9.39 -4.86 1.16
N GLU C 4 -9.28 -4.05 0.10
CA GLU C 4 -9.92 -2.74 0.04
C GLU C 4 -11.18 -2.84 -0.81
N ILE C 5 -12.34 -2.63 -0.18
CA ILE C 5 -13.63 -2.71 -0.83
C ILE C 5 -14.22 -1.29 -0.90
N ARG C 6 -14.76 -0.94 -2.05
CA ARG C 6 -15.46 0.33 -2.23
C ARG C 6 -16.96 0.09 -2.20
N VAL C 7 -17.66 0.79 -1.30
CA VAL C 7 -19.11 0.74 -1.22
C VAL C 7 -19.63 2.17 -1.14
N ARG C 8 -20.84 2.39 -1.65
CA ARG C 8 -21.51 3.68 -1.58
C ARG C 8 -22.80 3.50 -0.79
N VAL C 9 -22.85 4.11 0.39
CA VAL C 9 -23.99 4.03 1.29
C VAL C 9 -24.78 5.32 1.19
N GLU C 10 -26.09 5.20 0.94
CA GLU C 10 -26.96 6.34 0.71
C GLU C 10 -27.74 6.68 1.97
N LYS C 11 -27.56 7.91 2.45
CA LYS C 11 -28.26 8.37 3.64
C LYS C 11 -29.77 8.40 3.40
N ASP C 12 -30.53 7.86 4.34
CA ASP C 12 -31.99 7.86 4.25
C ASP C 12 -32.58 7.81 5.66
N PRO C 13 -32.44 8.90 6.44
CA PRO C 13 -31.65 10.11 6.17
C PRO C 13 -30.23 10.01 6.75
N GLU C 14 -29.94 8.87 7.36
CA GLU C 14 -28.64 8.59 7.96
C GLU C 14 -27.97 7.42 7.23
N LEU C 15 -26.69 7.20 7.55
CA LEU C 15 -25.95 6.13 6.91
C LEU C 15 -26.36 4.75 7.44
N GLY C 16 -26.79 4.67 8.69
CA GLY C 16 -27.27 3.41 9.22
C GLY C 16 -26.20 2.47 9.74
N PHE C 17 -25.08 3.01 10.22
CA PHE C 17 -24.06 2.19 10.84
C PHE C 17 -23.33 3.02 11.88
N SER C 18 -22.55 2.34 12.71
CA SER C 18 -21.81 2.97 13.79
C SER C 18 -20.33 2.69 13.67
N ILE C 19 -19.52 3.60 14.22
CA ILE C 19 -18.07 3.52 14.13
C ILE C 19 -17.46 3.68 15.51
N SER C 20 -16.26 3.13 15.70
CA SER C 20 -15.52 3.24 16.94
C SER C 20 -14.05 3.45 16.62
N GLY C 21 -13.32 4.03 17.57
CA GLY C 21 -11.90 4.25 17.41
C GLY C 21 -11.47 5.69 17.36
N GLY C 22 -10.53 6.00 16.48
CA GLY C 22 -9.98 7.34 16.33
C GLY C 22 -8.69 7.50 17.09
N VAL C 23 -7.81 8.36 16.57
CA VAL C 23 -6.55 8.63 17.25
C VAL C 23 -6.83 9.45 18.50
N GLY C 24 -6.30 8.99 19.64
CA GLY C 24 -6.71 9.58 20.90
C GLY C 24 -8.13 9.26 21.29
N GLY C 25 -8.81 8.42 20.51
CA GLY C 25 -10.20 8.07 20.74
C GLY C 25 -10.39 7.00 21.80
N ARG C 26 -11.53 6.31 21.70
CA ARG C 26 -11.90 5.31 22.69
C ARG C 26 -11.60 3.88 22.26
N GLY C 27 -11.00 3.66 21.09
CA GLY C 27 -10.60 2.32 20.72
C GLY C 27 -11.68 1.59 19.96
N ASN C 28 -11.38 0.33 19.63
CA ASN C 28 -12.29 -0.51 18.86
C ASN C 28 -12.25 -1.92 19.42
N PRO C 29 -13.34 -2.67 19.27
CA PRO C 29 -13.40 -4.03 19.85
C PRO C 29 -12.69 -5.10 19.03
N PHE C 30 -11.99 -4.73 17.96
CA PHE C 30 -11.39 -5.69 17.04
C PHE C 30 -9.88 -5.80 17.21
N ARG C 31 -9.14 -4.71 17.07
CA ARG C 31 -7.69 -4.71 17.19
C ARG C 31 -7.26 -3.63 18.19
N PRO C 32 -6.74 -3.99 19.36
CA PRO C 32 -6.45 -2.97 20.37
C PRO C 32 -5.32 -2.03 20.01
N ASP C 33 -4.36 -2.44 19.18
CA ASP C 33 -3.25 -1.57 18.81
C ASP C 33 -3.58 -0.65 17.65
N ASP C 34 -4.84 -0.54 17.25
CA ASP C 34 -5.22 0.23 16.07
C ASP C 34 -6.23 1.30 16.46
N ASP C 35 -5.84 2.56 16.31
CA ASP C 35 -6.70 3.71 16.56
C ASP C 35 -7.45 4.15 15.31
N GLY C 36 -7.57 3.29 14.31
CA GLY C 36 -8.32 3.62 13.12
C GLY C 36 -9.81 3.68 13.37
N ILE C 37 -10.56 3.96 12.31
CA ILE C 37 -12.01 4.04 12.36
C ILE C 37 -12.56 2.70 11.88
N PHE C 38 -13.37 2.06 12.72
CA PHE C 38 -13.87 0.72 12.47
C PHE C 38 -15.40 0.71 12.53
N VAL C 39 -16.02 0.11 11.51
CA VAL C 39 -17.46 -0.13 11.55
C VAL C 39 -17.75 -1.10 12.68
N THR C 40 -18.64 -0.70 13.59
CA THR C 40 -18.93 -1.45 14.80
C THR C 40 -20.31 -2.08 14.81
N ARG C 41 -21.33 -1.34 14.36
CA ARG C 41 -22.68 -1.87 14.24
C ARG C 41 -23.27 -1.34 12.95
N VAL C 42 -24.03 -2.18 12.26
CA VAL C 42 -24.73 -1.82 11.04
C VAL C 42 -26.20 -2.13 11.27
N GLN C 43 -27.07 -1.20 10.92
CA GLN C 43 -28.48 -1.41 11.15
C GLN C 43 -29.00 -2.53 10.25
N PRO C 44 -29.79 -3.47 10.78
CA PRO C 44 -30.11 -4.70 10.01
C PRO C 44 -30.69 -4.48 8.62
N GLU C 45 -31.62 -3.54 8.46
CA GLU C 45 -32.21 -3.21 7.18
C GLU C 45 -31.96 -1.74 6.85
N GLY C 46 -30.79 -1.25 7.25
CA GLY C 46 -30.41 0.12 7.02
C GLY C 46 -29.71 0.33 5.69
N PRO C 47 -29.20 1.54 5.48
CA PRO C 47 -28.51 1.84 4.22
C PRO C 47 -27.22 1.08 4.02
N ALA C 48 -26.59 0.58 5.08
CA ALA C 48 -25.31 -0.09 4.99
C ALA C 48 -25.42 -1.61 4.96
N SER C 49 -26.62 -2.15 5.08
CA SER C 49 -26.80 -3.59 5.08
C SER C 49 -26.35 -4.19 3.75
N LYS C 50 -25.73 -5.37 3.83
CA LYS C 50 -25.19 -6.11 2.69
C LYS C 50 -24.03 -5.39 2.03
N LEU C 51 -23.62 -4.24 2.58
CA LEU C 51 -22.45 -3.51 2.08
C LEU C 51 -21.32 -3.46 3.10
N LEU C 52 -21.60 -3.09 4.33
CA LEU C 52 -20.62 -3.02 5.40
C LEU C 52 -20.89 -4.08 6.46
N GLN C 53 -19.83 -4.53 7.11
CA GLN C 53 -19.91 -5.50 8.20
C GLN C 53 -19.07 -5.02 9.36
N PRO C 54 -19.41 -5.43 10.59
CA PRO C 54 -18.56 -5.10 11.74
C PRO C 54 -17.14 -5.60 11.53
N GLY C 55 -16.18 -4.76 11.90
CA GLY C 55 -14.77 -5.03 11.68
C GLY C 55 -14.16 -4.27 10.51
N ASP C 56 -14.99 -3.78 9.60
CA ASP C 56 -14.50 -2.98 8.48
C ASP C 56 -13.82 -1.72 9.00
N LYS C 57 -12.63 -1.44 8.48
CA LYS C 57 -11.88 -0.24 8.85
C LYS C 57 -12.05 0.81 7.76
N ILE C 58 -12.68 1.92 8.09
CA ILE C 58 -12.86 3.01 7.13
C ILE C 58 -11.55 3.77 7.03
N ILE C 59 -11.01 3.85 5.81
CA ILE C 59 -9.78 4.59 5.56
C ILE C 59 -9.96 5.73 4.58
N GLN C 60 -11.15 5.88 3.98
CA GLN C 60 -11.43 6.99 3.08
C GLN C 60 -12.93 7.12 2.92
N ALA C 61 -13.42 8.35 2.97
CA ALA C 61 -14.85 8.65 2.80
C ALA C 61 -14.97 9.84 1.86
N ASN C 62 -15.52 9.59 0.66
CA ASN C 62 -15.67 10.62 -0.37
C ASN C 62 -14.35 11.32 -0.65
N GLY C 63 -13.30 10.52 -0.84
CA GLY C 63 -11.98 11.04 -1.13
C GLY C 63 -11.24 11.61 0.06
N TYR C 64 -11.84 11.61 1.25
CA TYR C 64 -11.21 12.14 2.46
C TYR C 64 -10.61 10.99 3.25
N SER C 65 -9.30 11.06 3.50
CA SER C 65 -8.62 9.99 4.21
C SER C 65 -9.06 9.93 5.66
N PHE C 66 -9.31 8.72 6.14
CA PHE C 66 -9.65 8.47 7.53
C PHE C 66 -8.50 7.81 8.29
N ILE C 67 -7.30 7.80 7.71
CA ILE C 67 -6.13 7.27 8.40
C ILE C 67 -5.60 8.34 9.35
N ASN C 68 -5.44 7.96 10.62
CA ASN C 68 -4.98 8.87 11.67
C ASN C 68 -5.94 10.04 11.87
N ILE C 69 -7.24 9.76 11.76
CA ILE C 69 -8.28 10.76 11.97
C ILE C 69 -8.81 10.61 13.40
N GLU C 70 -9.24 11.72 13.97
CA GLU C 70 -9.84 11.70 15.29
C GLU C 70 -11.32 11.33 15.18
N MET C 71 -11.85 10.76 16.27
N MET C 71 -11.84 10.74 16.25
CA MET C 71 -13.22 10.27 16.26
CA MET C 71 -13.22 10.27 16.26
C MET C 71 -14.22 11.41 16.04
C MET C 71 -14.21 11.43 16.02
N GLY C 72 -14.05 12.51 16.77
CA GLY C 72 -14.99 13.62 16.66
C GLY C 72 -15.06 14.19 15.25
N GLN C 73 -13.93 14.20 14.54
CA GLN C 73 -13.93 14.68 13.17
C GLN C 73 -14.53 13.65 12.22
N ALA C 74 -14.26 12.36 12.45
CA ALA C 74 -14.78 11.33 11.57
C ALA C 74 -16.31 11.30 11.60
N VAL C 75 -16.90 11.33 12.79
CA VAL C 75 -18.36 11.41 12.88
C VAL C 75 -18.85 12.73 12.30
N SER C 76 -18.12 13.82 12.56
CA SER C 76 -18.48 15.12 12.01
C SER C 76 -18.48 15.10 10.49
N LEU C 77 -17.41 14.57 9.88
CA LEU C 77 -17.32 14.53 8.42
C LEU C 77 -18.46 13.69 7.83
N LEU C 78 -18.72 12.52 8.42
CA LEU C 78 -19.76 11.65 7.89
C LEU C 78 -21.15 12.26 8.04
N LYS C 79 -21.36 13.04 9.11
CA LYS C 79 -22.64 13.72 9.28
C LYS C 79 -22.78 14.92 8.33
N THR C 80 -21.65 15.51 7.90
CA THR C 80 -21.72 16.68 7.05
C THR C 80 -22.11 16.32 5.61
N PHE C 81 -21.55 15.24 5.09
CA PHE C 81 -21.92 14.76 3.76
C PHE C 81 -23.42 14.52 3.67
N GLN C 82 -24.01 14.94 2.57
CA GLN C 82 -25.40 14.63 2.28
C GLN C 82 -25.49 13.51 1.24
N ASN C 83 -26.69 12.92 1.15
CA ASN C 83 -27.00 11.90 0.17
C ASN C 83 -26.12 10.66 0.32
N THR C 84 -25.24 10.40 -0.64
CA THR C 84 -24.44 9.18 -0.66
C THR C 84 -23.00 9.47 -0.26
N VAL C 85 -22.41 8.55 0.50
CA VAL C 85 -21.01 8.62 0.91
C VAL C 85 -20.30 7.38 0.40
N GLU C 86 -19.33 7.57 -0.50
CA GLU C 86 -18.52 6.48 -1.03
C GLU C 86 -17.38 6.18 -0.07
N LEU C 87 -17.36 4.97 0.48
CA LEU C 87 -16.35 4.56 1.46
C LEU C 87 -15.38 3.56 0.85
N ILE C 88 -14.12 3.65 1.27
CA ILE C 88 -13.11 2.62 1.03
C ILE C 88 -12.77 2.00 2.39
N ILE C 89 -12.96 0.70 2.50
CA ILE C 89 -12.80 0.01 3.77
C ILE C 89 -11.78 -1.11 3.61
N VAL C 90 -11.17 -1.49 4.72
CA VAL C 90 -10.20 -2.58 4.79
C VAL C 90 -10.88 -3.73 5.52
N ARG C 91 -11.14 -4.83 4.80
CA ARG C 91 -11.87 -5.97 5.33
C ARG C 91 -11.04 -7.24 5.21
N GLU C 92 -11.03 -8.04 6.27
CA GLU C 92 -10.26 -9.28 6.33
C GLU C 92 -11.13 -10.48 6.63
N SER D 1 -22.60 -11.86 -6.65
CA SER D 1 -21.44 -12.66 -7.02
C SER D 1 -20.30 -11.81 -7.57
N SER D 2 -20.16 -10.58 -7.07
CA SER D 2 -19.02 -9.75 -7.41
C SER D 2 -18.99 -8.57 -6.45
N MET D 3 -17.80 -7.95 -6.33
CA MET D 3 -17.57 -6.86 -5.39
C MET D 3 -16.59 -5.87 -5.99
N GLU D 4 -16.46 -4.72 -5.33
CA GLU D 4 -15.65 -3.61 -5.80
C GLU D 4 -14.30 -3.59 -5.09
N ILE D 5 -13.22 -3.77 -5.84
CA ILE D 5 -11.88 -3.84 -5.27
C ILE D 5 -11.10 -2.61 -5.68
N ARG D 6 -10.41 -1.99 -4.74
CA ARG D 6 -9.49 -0.91 -5.06
C ARG D 6 -8.05 -1.42 -4.96
N VAL D 7 -7.31 -1.31 -6.04
CA VAL D 7 -5.90 -1.65 -6.07
C VAL D 7 -5.13 -0.51 -6.73
N ARG D 8 -3.87 -0.37 -6.33
CA ARG D 8 -2.97 0.64 -6.89
C ARG D 8 -1.79 -0.09 -7.52
N VAL D 9 -1.70 0.00 -8.85
CA VAL D 9 -0.64 -0.65 -9.61
C VAL D 9 0.38 0.40 -10.03
N GLU D 10 1.65 0.16 -9.72
CA GLU D 10 2.73 1.11 -9.93
C GLU D 10 3.52 0.77 -11.18
N LYS D 11 3.56 1.69 -12.14
CA LYS D 11 4.31 1.47 -13.37
C LYS D 11 5.80 1.33 -13.10
N ASP D 12 6.41 0.30 -13.69
CA ASP D 12 7.85 0.07 -13.54
C ASP D 12 8.39 -0.69 -14.75
N PRO D 13 8.41 -0.04 -15.93
CA PRO D 13 7.87 1.28 -16.28
C PRO D 13 6.45 1.15 -16.81
N GLU D 14 5.94 -0.08 -16.82
CA GLU D 14 4.59 -0.37 -17.28
C GLU D 14 3.76 -0.89 -16.11
N LEU D 15 2.45 -0.99 -16.36
CA LEU D 15 1.54 -1.46 -15.31
C LEU D 15 1.67 -2.96 -15.08
N GLY D 16 2.07 -3.71 -16.10
CA GLY D 16 2.29 -5.13 -15.95
C GLY D 16 1.05 -5.99 -16.09
N PHE D 17 0.05 -5.53 -16.84
CA PHE D 17 -1.12 -6.35 -17.14
C PHE D 17 -1.66 -5.92 -18.48
N SER D 18 -2.55 -6.75 -19.02
CA SER D 18 -3.16 -6.50 -20.31
C SER D 18 -4.68 -6.54 -20.20
N ILE D 19 -5.36 -5.84 -21.10
CA ILE D 19 -6.81 -5.72 -21.04
C ILE D 19 -7.43 -6.03 -22.39
N SER D 20 -8.67 -6.51 -22.35
CA SER D 20 -9.46 -6.81 -23.55
C SER D 20 -10.89 -6.34 -23.35
N GLY D 21 -11.58 -6.11 -24.46
CA GLY D 21 -12.97 -5.69 -24.44
C GLY D 21 -13.13 -4.29 -25.03
N GLY D 22 -13.96 -3.48 -24.39
CA GLY D 22 -14.20 -2.13 -24.85
C GLY D 22 -15.46 -2.03 -25.70
N VAL D 23 -16.07 -0.84 -25.67
CA VAL D 23 -17.28 -0.59 -26.45
C VAL D 23 -16.93 -0.54 -27.93
N GLY D 24 -17.67 -1.30 -28.73
CA GLY D 24 -17.32 -1.43 -30.13
C GLY D 24 -16.04 -2.19 -30.37
N GLY D 25 -15.44 -2.78 -29.32
CA GLY D 25 -14.17 -3.49 -29.40
C GLY D 25 -14.35 -4.91 -29.91
N ARG D 26 -13.33 -5.75 -29.63
CA ARG D 26 -13.29 -7.12 -30.13
C ARG D 26 -13.64 -8.14 -29.06
N GLY D 27 -14.10 -7.70 -27.92
CA GLY D 27 -14.65 -8.59 -26.92
C GLY D 27 -13.63 -9.07 -25.91
N ASN D 28 -14.11 -9.94 -25.02
CA ASN D 28 -13.34 -10.46 -23.90
C ASN D 28 -13.63 -11.95 -23.72
N PRO D 29 -12.69 -12.71 -23.15
CA PRO D 29 -12.89 -14.15 -22.99
C PRO D 29 -13.76 -14.54 -21.79
N PHE D 30 -14.36 -13.60 -21.07
CA PHE D 30 -15.08 -13.92 -19.84
C PHE D 30 -16.59 -13.84 -20.00
N ARG D 31 -17.15 -12.68 -20.34
CA ARG D 31 -18.59 -12.52 -20.54
C ARG D 31 -18.83 -11.88 -21.89
N PRO D 32 -19.37 -12.62 -22.87
CA PRO D 32 -19.49 -12.06 -24.23
C PRO D 32 -20.46 -10.89 -24.33
N ASP D 33 -21.45 -10.82 -23.45
CA ASP D 33 -22.44 -9.74 -23.49
C ASP D 33 -21.96 -8.47 -22.80
N ASP D 34 -20.68 -8.37 -22.46
CA ASP D 34 -20.15 -7.24 -21.70
C ASP D 34 -19.08 -6.55 -22.51
N ASP D 35 -19.33 -5.29 -22.88
CA ASP D 35 -18.38 -4.47 -23.60
C ASP D 35 -17.45 -3.69 -22.67
N GLY D 36 -17.36 -4.08 -21.41
CA GLY D 36 -16.46 -3.45 -20.48
C GLY D 36 -15.01 -3.78 -20.77
N ILE D 37 -14.14 -3.23 -19.93
CA ILE D 37 -12.70 -3.47 -20.03
C ILE D 37 -12.33 -4.55 -19.02
N PHE D 38 -11.70 -5.62 -19.50
CA PHE D 38 -11.41 -6.79 -18.68
C PHE D 38 -9.92 -7.08 -18.67
N VAL D 39 -9.37 -7.28 -17.47
CA VAL D 39 -8.01 -7.76 -17.35
C VAL D 39 -7.92 -9.18 -17.89
N THR D 40 -7.02 -9.39 -18.84
CA THR D 40 -6.90 -10.66 -19.55
C THR D 40 -5.65 -11.45 -19.19
N ARG D 41 -4.51 -10.78 -19.05
CA ARG D 41 -3.27 -11.43 -18.64
C ARG D 41 -2.53 -10.52 -17.67
N VAL D 42 -1.92 -11.12 -16.67
CA VAL D 42 -1.15 -10.40 -15.65
C VAL D 42 0.25 -11.00 -15.61
N GLN D 43 1.26 -10.15 -15.62
CA GLN D 43 2.64 -10.63 -15.57
C GLN D 43 2.87 -11.31 -14.22
N PRO D 44 3.49 -12.50 -14.21
CA PRO D 44 3.54 -13.30 -12.95
C PRO D 44 4.12 -12.58 -11.74
N GLU D 45 5.25 -11.89 -11.90
CA GLU D 45 5.85 -11.11 -10.82
C GLU D 45 6.05 -9.66 -11.24
N GLY D 46 5.10 -9.14 -12.02
CA GLY D 46 5.14 -7.77 -12.45
C GLY D 46 4.46 -6.84 -11.47
N PRO D 47 4.29 -5.57 -11.85
CA PRO D 47 3.65 -4.62 -10.94
C PRO D 47 2.21 -4.95 -10.61
N ALA D 48 1.52 -5.75 -11.42
CA ALA D 48 0.13 -6.08 -11.19
C ALA D 48 -0.05 -7.43 -10.51
N SER D 49 1.04 -8.13 -10.25
CA SER D 49 0.97 -9.44 -9.60
C SER D 49 0.37 -9.34 -8.20
N LYS D 50 -0.42 -10.35 -7.83
CA LYS D 50 -1.07 -10.45 -6.53
C LYS D 50 -2.05 -9.31 -6.29
N LEU D 51 -2.25 -8.44 -7.29
CA LEU D 51 -3.21 -7.35 -7.21
C LEU D 51 -4.36 -7.53 -8.18
N LEU D 52 -4.08 -7.83 -9.45
CA LEU D 52 -5.10 -8.05 -10.46
C LEU D 52 -5.08 -9.50 -10.91
N GLN D 53 -6.25 -10.00 -11.31
CA GLN D 53 -6.42 -11.35 -11.80
C GLN D 53 -7.23 -11.33 -13.09
N PRO D 54 -7.05 -12.32 -13.96
CA PRO D 54 -7.87 -12.41 -15.17
C PRO D 54 -9.36 -12.48 -14.82
N GLY D 55 -10.16 -11.74 -15.57
CA GLY D 55 -11.58 -11.62 -15.34
C GLY D 55 -12.00 -10.33 -14.66
N ASP D 56 -11.07 -9.64 -14.01
CA ASP D 56 -11.37 -8.37 -13.39
C ASP D 56 -11.83 -7.36 -14.43
N LYS D 57 -12.93 -6.66 -14.14
CA LYS D 57 -13.45 -5.62 -15.01
C LYS D 57 -13.07 -4.27 -14.43
N ILE D 58 -12.25 -3.52 -15.16
CA ILE D 58 -11.86 -2.18 -14.73
C ILE D 58 -13.01 -1.22 -15.02
N ILE D 59 -13.49 -0.55 -13.99
CA ILE D 59 -14.56 0.43 -14.13
C ILE D 59 -14.16 1.83 -13.74
N GLN D 60 -12.94 2.04 -13.22
CA GLN D 60 -12.45 3.36 -12.91
C GLN D 60 -10.93 3.29 -12.75
N ALA D 61 -10.24 4.28 -13.32
CA ALA D 61 -8.79 4.37 -13.23
C ALA D 61 -8.43 5.82 -12.91
N ASN D 62 -7.91 6.04 -11.70
CA ASN D 62 -7.55 7.37 -11.22
C ASN D 62 -8.72 8.33 -11.35
N GLY D 63 -9.89 7.89 -10.87
CA GLY D 63 -11.09 8.69 -10.90
C GLY D 63 -11.78 8.78 -12.25
N TYR D 64 -11.23 8.16 -13.29
CA TYR D 64 -11.81 8.21 -14.63
C TYR D 64 -12.61 6.94 -14.87
N SER D 65 -13.90 7.11 -15.17
CA SER D 65 -14.79 5.98 -15.37
C SER D 65 -14.44 5.23 -16.65
N PHE D 66 -14.43 3.89 -16.55
CA PHE D 66 -14.20 3.03 -17.71
C PHE D 66 -15.47 2.34 -18.17
N ILE D 67 -16.62 2.77 -17.69
CA ILE D 67 -17.90 2.24 -18.16
C ILE D 67 -18.25 2.93 -19.47
N ASN D 68 -18.56 2.13 -20.50
CA ASN D 68 -18.87 2.64 -21.83
C ASN D 68 -17.69 3.39 -22.43
N ILE D 69 -16.48 2.91 -22.17
CA ILE D 69 -15.26 3.48 -22.72
C ILE D 69 -14.85 2.65 -23.93
N GLU D 70 -14.18 3.31 -24.87
CA GLU D 70 -13.66 2.62 -26.04
C GLU D 70 -12.32 1.96 -25.68
N MET D 71 -12.00 0.90 -26.40
N MET D 71 -12.00 0.89 -26.41
CA MET D 71 -10.77 0.17 -26.11
CA MET D 71 -10.77 0.15 -26.13
C MET D 71 -9.54 1.03 -26.33
C MET D 71 -9.55 1.02 -26.34
N GLY D 72 -9.47 1.71 -27.47
CA GLY D 72 -8.33 2.54 -27.76
C GLY D 72 -8.15 3.69 -26.78
N GLN D 73 -9.27 4.24 -26.29
CA GLN D 73 -9.17 5.33 -25.33
C GLN D 73 -8.75 4.82 -23.96
N ALA D 74 -9.22 3.64 -23.56
CA ALA D 74 -8.79 3.07 -22.29
C ALA D 74 -7.29 2.80 -22.33
N VAL D 75 -6.81 2.29 -23.45
CA VAL D 75 -5.38 2.07 -23.65
C VAL D 75 -4.64 3.40 -23.61
N SER D 76 -5.18 4.41 -24.28
CA SER D 76 -4.55 5.73 -24.26
C SER D 76 -4.49 6.28 -22.84
N LEU D 77 -5.62 6.20 -22.11
CA LEU D 77 -5.66 6.70 -20.74
C LEU D 77 -4.65 5.98 -19.85
N LEU D 78 -4.58 4.65 -19.96
CA LEU D 78 -3.68 3.88 -19.11
C LEU D 78 -2.22 4.15 -19.43
N LYS D 79 -1.88 4.38 -20.71
CA LYS D 79 -0.52 4.72 -21.06
C LYS D 79 -0.17 6.16 -20.71
N THR D 80 -1.17 7.05 -20.63
CA THR D 80 -0.89 8.45 -20.34
C THR D 80 -0.52 8.67 -18.88
N PHE D 81 -1.23 8.01 -17.96
CA PHE D 81 -0.88 8.09 -16.55
C PHE D 81 0.56 7.64 -16.33
N GLN D 82 1.28 8.39 -15.51
CA GLN D 82 2.61 7.99 -15.08
C GLN D 82 2.56 7.47 -13.64
N ASN D 83 3.63 6.76 -13.27
CA ASN D 83 3.81 6.25 -11.91
C ASN D 83 2.71 5.26 -11.53
N THR D 84 1.84 5.62 -10.59
CA THR D 84 0.85 4.70 -10.06
C THR D 84 -0.53 5.05 -10.59
N VAL D 85 -1.32 4.01 -10.86
CA VAL D 85 -2.71 4.15 -11.31
C VAL D 85 -3.59 3.43 -10.31
N GLU D 86 -4.46 4.18 -9.63
CA GLU D 86 -5.40 3.60 -8.69
C GLU D 86 -6.61 3.07 -9.45
N LEU D 87 -6.82 1.76 -9.39
CA LEU D 87 -7.90 1.10 -10.12
C LEU D 87 -9.01 0.66 -9.19
N ILE D 88 -10.24 0.76 -9.68
CA ILE D 88 -11.40 0.14 -9.06
C ILE D 88 -11.89 -0.95 -10.01
N ILE D 89 -11.91 -2.18 -9.52
CA ILE D 89 -12.24 -3.33 -10.37
C ILE D 89 -13.40 -4.10 -9.76
N VAL D 90 -14.11 -4.82 -10.62
CA VAL D 90 -15.23 -5.67 -10.22
C VAL D 90 -14.76 -7.12 -10.34
N ARG D 91 -14.69 -7.81 -9.20
CA ARG D 91 -14.18 -9.17 -9.13
C ARG D 91 -15.23 -10.08 -8.51
N GLU D 92 -15.38 -11.27 -9.10
CA GLU D 92 -16.40 -12.21 -8.66
C GLU D 92 -15.88 -13.19 -7.61
N PHE E 3 6.69 -5.12 16.43
CA PHE E 3 6.90 -6.39 17.13
C PHE E 3 7.62 -7.40 16.25
N ASP E 4 8.95 -7.28 16.18
CA ASP E 4 9.76 -8.12 15.32
C ASP E 4 10.45 -9.20 16.15
N PHE E 5 10.85 -10.27 15.46
CA PHE E 5 11.49 -11.41 16.10
C PHE E 5 12.82 -11.68 15.42
N TRP E 6 13.87 -11.86 16.22
CA TRP E 6 15.22 -11.98 15.70
C TRP E 6 15.55 -13.43 15.41
N VAL E 7 16.05 -13.68 14.21
CA VAL E 7 16.36 -15.02 13.76
C VAL E 7 17.84 -15.12 13.39
N PHE F 3 20.30 13.28 -10.17
CA PHE F 3 19.15 12.63 -10.80
C PHE F 3 17.98 12.55 -9.82
N ASP F 4 16.76 12.49 -10.35
CA ASP F 4 15.57 12.50 -9.52
C ASP F 4 14.90 11.13 -9.49
N PHE F 5 14.23 10.83 -8.39
CA PHE F 5 13.44 9.62 -8.27
C PHE F 5 12.09 9.99 -7.66
N TRP F 6 10.99 9.58 -8.31
CA TRP F 6 9.67 9.95 -7.85
C TRP F 6 9.10 8.85 -6.95
N VAL F 7 8.63 9.26 -5.78
CA VAL F 7 8.09 8.31 -4.81
C VAL F 7 6.65 8.66 -4.44
N PHE G 3 -17.20 2.11 22.98
CA PHE G 3 -18.42 1.81 22.23
C PHE G 3 -18.44 2.55 20.89
N ASP G 4 -19.59 2.51 20.24
CA ASP G 4 -19.81 3.02 18.90
C ASP G 4 -20.57 4.34 18.89
N PHE G 5 -20.46 5.05 17.76
CA PHE G 5 -21.19 6.28 17.50
C PHE G 5 -21.94 6.11 16.19
N TRP G 6 -23.21 6.47 16.17
CA TRP G 6 -24.08 6.20 15.03
C TRP G 6 -24.02 7.33 14.00
N VAL G 7 -23.80 6.96 12.75
CA VAL G 7 -23.73 7.93 11.66
C VAL G 7 -24.77 7.55 10.60
N PHE H 3 -6.82 -8.55 -30.48
CA PHE H 3 -7.24 -9.17 -29.23
C PHE H 3 -7.01 -8.21 -28.10
N ASP H 4 -6.10 -8.55 -27.19
CA ASP H 4 -5.86 -7.79 -25.97
C ASP H 4 -4.58 -6.96 -26.08
N PHE H 5 -4.52 -5.89 -25.27
CA PHE H 5 -3.41 -4.95 -25.29
C PHE H 5 -2.76 -4.79 -23.93
N TRP H 6 -1.43 -4.76 -23.93
CA TRP H 6 -0.62 -4.71 -22.72
C TRP H 6 -0.39 -3.26 -22.30
N VAL H 7 -0.66 -2.98 -21.03
CA VAL H 7 -0.49 -1.63 -20.50
C VAL H 7 0.47 -1.66 -19.32
NA NA I . -3.71 -8.25 1.18
NA NA J . -17.05 7.05 -7.55
NA NA K . -10.33 -13.74 -10.12
#